data_1ISH
#
_entry.id   1ISH
#
_cell.length_a   59.165
_cell.length_b   112.458
_cell.length_c   131.302
_cell.angle_alpha   90.00
_cell.angle_beta   90.00
_cell.angle_gamma   90.00
#
_symmetry.space_group_name_H-M   'P 21 21 21'
#
loop_
_entity.id
_entity.type
_entity.pdbx_description
1 polymer 'bone marrow stromal cell antigen 1'
2 branched 2-acetamido-2-deoxy-beta-D-glucopyranose-(1-4)-2-acetamido-2-deoxy-beta-D-glucopyranose
3 non-polymer ETHENO-NADP
4 water water
#
_entity_poly.entity_id   1
_entity_poly.type   'polypeptide(L)'
_entity_poly.pdbx_seq_one_letter_code
;RWRAEGTSAHLRDIFLGRCAEYRALLSPEQRNKDCTAIWEAFKVALDKDPCSVLPSDYDLFITLSRHSIPRDKSLFWENS
HLLVNSFADNTRRFMPLSDVLYGRVADFLSWCRQKADSGLDYQSCPTSEDCENNPVDSFWKRASIQYSKDSSGVIHVMLN
GSEPTGAYPIKGFFADYEIPNLQKEKITRIEIWVMHEIGGPNVESCGEGSMKVLEKRLKDMGFQYSCINDYRPVKLLQCV
DHSTHPDCALKSAAAATQRKAPSLY
;
_entity_poly.pdbx_strand_id   A,B
#
# COMPACT_ATOMS: atom_id res chain seq x y z
N TRP A 2 1.85 -31.25 -2.09
CA TRP A 2 2.36 -30.00 -1.46
C TRP A 2 1.28 -29.36 -0.59
N ARG A 3 1.62 -29.12 0.67
CA ARG A 3 0.68 -28.53 1.63
C ARG A 3 0.77 -27.02 1.74
N ALA A 4 0.91 -26.32 0.62
CA ALA A 4 1.00 -24.86 0.63
C ALA A 4 0.48 -24.22 -0.64
N GLU A 5 0.22 -22.92 -0.57
CA GLU A 5 -0.29 -22.16 -1.71
C GLU A 5 0.49 -22.43 -2.98
N GLY A 6 -0.22 -22.63 -4.08
CA GLY A 6 0.45 -22.86 -5.34
C GLY A 6 0.92 -21.53 -5.88
N THR A 7 1.56 -21.54 -7.04
CA THR A 7 2.06 -20.31 -7.64
C THR A 7 0.98 -19.23 -7.75
N SER A 8 1.37 -18.00 -7.47
CA SER A 8 0.44 -16.87 -7.54
C SER A 8 0.07 -16.58 -9.00
N ALA A 9 -1.24 -16.45 -9.26
CA ALA A 9 -1.72 -16.16 -10.61
C ALA A 9 -1.09 -14.86 -11.10
N HIS A 10 -0.67 -14.86 -12.37
CA HIS A 10 -0.05 -13.69 -13.00
C HIS A 10 1.18 -13.20 -12.24
N LEU A 11 2.00 -14.14 -11.79
CA LEU A 11 3.21 -13.85 -11.06
C LEU A 11 4.08 -12.82 -11.77
N ARG A 12 4.35 -13.05 -13.05
CA ARG A 12 5.18 -12.16 -13.86
C ARG A 12 4.71 -10.70 -13.89
N ASP A 13 3.46 -10.47 -14.29
CA ASP A 13 2.93 -9.11 -14.34
C ASP A 13 3.02 -8.42 -12.98
N ILE A 14 2.67 -9.14 -11.92
CA ILE A 14 2.73 -8.58 -10.58
C ILE A 14 4.17 -8.21 -10.20
N PHE A 15 5.08 -9.14 -10.46
CA PHE A 15 6.51 -8.98 -10.19
C PHE A 15 7.05 -7.74 -10.91
N LEU A 16 6.82 -7.65 -12.21
CA LEU A 16 7.32 -6.52 -12.99
C LEU A 16 6.66 -5.20 -12.59
N GLY A 17 5.38 -5.27 -12.27
CA GLY A 17 4.67 -4.07 -11.87
C GLY A 17 5.27 -3.53 -10.58
N ARG A 18 5.43 -4.40 -9.60
CA ARG A 18 5.99 -4.00 -8.32
C ARG A 18 7.39 -3.44 -8.52
N CYS A 19 8.17 -4.14 -9.33
CA CYS A 19 9.53 -3.70 -9.61
C CYS A 19 9.53 -2.30 -10.25
N ALA A 20 8.73 -2.10 -11.28
CA ALA A 20 8.68 -0.79 -11.94
C ALA A 20 8.29 0.33 -10.97
N GLU A 21 7.28 0.08 -10.15
CA GLU A 21 6.84 1.08 -9.19
C GLU A 21 7.89 1.35 -8.12
N TYR A 22 8.62 0.32 -7.72
CA TYR A 22 9.63 0.52 -6.70
C TYR A 22 10.81 1.37 -7.20
N ARG A 23 11.10 1.28 -8.50
CA ARG A 23 12.20 2.06 -9.06
C ARG A 23 12.05 3.54 -8.74
N ALA A 24 10.83 4.02 -8.78
CA ALA A 24 10.56 5.42 -8.49
C ALA A 24 10.97 5.81 -7.07
N LEU A 25 10.91 4.85 -6.15
CA LEU A 25 11.27 5.13 -4.77
C LEU A 25 12.79 5.24 -4.57
N LEU A 26 13.55 4.57 -5.41
CA LEU A 26 15.01 4.60 -5.33
C LEU A 26 15.57 5.99 -5.65
N SER A 27 16.82 6.22 -5.26
CA SER A 27 17.49 7.49 -5.55
C SER A 27 17.94 7.41 -7.01
N PRO A 28 17.99 8.56 -7.70
CA PRO A 28 18.41 8.56 -9.10
C PRO A 28 19.71 7.79 -9.37
N GLU A 29 20.72 7.96 -8.52
CA GLU A 29 21.99 7.26 -8.70
C GLU A 29 21.85 5.75 -8.81
N GLN A 30 20.97 5.15 -8.02
CA GLN A 30 20.79 3.71 -8.07
C GLN A 30 19.45 3.31 -8.68
N ARG A 31 18.85 4.24 -9.41
CA ARG A 31 17.56 4.03 -10.07
C ARG A 31 17.71 3.15 -11.31
N ASN A 32 18.94 2.92 -11.75
CA ASN A 32 19.16 2.09 -12.93
C ASN A 32 19.05 0.61 -12.61
N LYS A 33 17.84 0.09 -12.70
CA LYS A 33 17.56 -1.32 -12.43
C LYS A 33 16.80 -1.87 -13.63
N ASP A 34 17.12 -3.10 -14.02
CA ASP A 34 16.45 -3.71 -15.16
C ASP A 34 15.46 -4.74 -14.62
N CYS A 35 14.20 -4.35 -14.51
CA CYS A 35 13.18 -5.24 -13.99
C CYS A 35 13.06 -6.54 -14.78
N THR A 36 13.22 -6.44 -16.09
CA THR A 36 13.16 -7.62 -16.94
C THR A 36 14.28 -8.60 -16.60
N ALA A 37 15.51 -8.08 -16.48
CA ALA A 37 16.65 -8.91 -16.15
C ALA A 37 16.51 -9.49 -14.74
N ILE A 38 15.97 -8.68 -13.84
CA ILE A 38 15.75 -9.10 -12.46
C ILE A 38 14.75 -10.27 -12.44
N TRP A 39 13.71 -10.16 -13.25
CA TRP A 39 12.71 -11.23 -13.32
C TRP A 39 13.31 -12.50 -13.93
N GLU A 40 14.16 -12.33 -14.95
CA GLU A 40 14.77 -13.49 -15.58
C GLU A 40 15.68 -14.19 -14.56
N ALA A 41 16.50 -13.42 -13.85
CA ALA A 41 17.39 -13.99 -12.84
C ALA A 41 16.56 -14.73 -11.79
N PHE A 42 15.45 -14.13 -11.39
CA PHE A 42 14.56 -14.70 -10.39
C PHE A 42 13.95 -16.03 -10.87
N LYS A 43 13.49 -16.06 -12.12
CA LYS A 43 12.86 -17.27 -12.63
C LYS A 43 13.76 -18.48 -12.84
N VAL A 44 15.05 -18.36 -12.52
CA VAL A 44 15.94 -19.50 -12.66
C VAL A 44 15.44 -20.61 -11.76
N ALA A 45 14.80 -20.22 -10.66
CA ALA A 45 14.26 -21.18 -9.69
C ALA A 45 13.01 -21.85 -10.23
N LEU A 46 12.36 -21.21 -11.19
CA LEU A 46 11.14 -21.78 -11.77
C LEU A 46 11.46 -22.84 -12.82
N ASP A 47 12.75 -23.08 -13.03
CA ASP A 47 13.18 -24.08 -13.99
C ASP A 47 13.91 -25.21 -13.28
N LYS A 48 13.61 -25.39 -12.00
CA LYS A 48 14.24 -26.46 -11.23
C LYS A 48 13.22 -27.31 -10.49
N ASP A 49 13.69 -28.43 -9.95
CA ASP A 49 12.82 -29.31 -9.18
C ASP A 49 12.41 -28.50 -7.96
N PRO A 50 11.10 -28.42 -7.67
CA PRO A 50 10.60 -27.65 -6.52
C PRO A 50 11.20 -27.99 -5.16
N CYS A 51 12.04 -29.02 -5.11
CA CYS A 51 12.70 -29.39 -3.86
C CYS A 51 14.22 -29.33 -4.01
N SER A 52 14.67 -28.75 -5.12
CA SER A 52 16.10 -28.64 -5.39
C SER A 52 16.57 -27.20 -5.64
N VAL A 53 15.94 -26.25 -4.95
CA VAL A 53 16.32 -24.84 -5.09
C VAL A 53 17.06 -24.42 -3.82
N LEU A 54 18.23 -23.84 -3.99
CA LEU A 54 19.03 -23.41 -2.86
C LEU A 54 19.06 -21.88 -2.79
N PRO A 55 19.41 -21.32 -1.62
CA PRO A 55 19.48 -19.87 -1.46
C PRO A 55 20.43 -19.24 -2.48
N SER A 56 21.55 -19.91 -2.72
CA SER A 56 22.55 -19.43 -3.68
C SER A 56 22.03 -19.32 -5.12
N ASP A 57 20.97 -20.04 -5.45
CA ASP A 57 20.41 -19.96 -6.79
C ASP A 57 19.89 -18.55 -7.09
N TYR A 58 19.60 -17.80 -6.03
CA TYR A 58 19.08 -16.46 -6.19
C TYR A 58 20.17 -15.38 -6.12
N ASP A 59 21.44 -15.79 -6.15
CA ASP A 59 22.53 -14.82 -6.08
C ASP A 59 22.48 -13.76 -7.18
N LEU A 60 22.25 -14.19 -8.41
CA LEU A 60 22.19 -13.24 -9.52
C LEU A 60 21.03 -12.27 -9.34
N PHE A 61 19.89 -12.80 -8.91
CA PHE A 61 18.71 -11.98 -8.67
C PHE A 61 19.09 -10.88 -7.68
N ILE A 62 19.79 -11.26 -6.61
CA ILE A 62 20.21 -10.29 -5.59
C ILE A 62 21.20 -9.27 -6.14
N THR A 63 22.18 -9.74 -6.89
CA THR A 63 23.19 -8.86 -7.47
C THR A 63 22.54 -7.77 -8.32
N LEU A 64 21.54 -8.15 -9.10
CA LEU A 64 20.83 -7.24 -9.98
C LEU A 64 19.82 -6.32 -9.29
N SER A 65 19.33 -6.70 -8.12
CA SER A 65 18.34 -5.89 -7.42
C SER A 65 18.85 -5.14 -6.18
N ARG A 66 19.94 -5.63 -5.60
CA ARG A 66 20.52 -5.04 -4.41
C ARG A 66 20.71 -3.51 -4.45
N HIS A 67 20.36 -2.86 -3.36
CA HIS A 67 20.54 -1.42 -3.22
C HIS A 67 20.76 -1.14 -1.74
N SER A 68 21.25 0.05 -1.42
CA SER A 68 21.54 0.37 -0.03
C SER A 68 20.28 0.65 0.79
N ILE A 69 20.38 0.38 2.09
CA ILE A 69 19.29 0.61 3.02
C ILE A 69 19.73 1.76 3.92
N PRO A 70 18.92 2.82 4.03
CA PRO A 70 19.27 3.96 4.87
C PRO A 70 19.61 3.55 6.29
N ARG A 71 20.56 4.25 6.89
CA ARG A 71 20.98 3.98 8.26
C ARG A 71 19.79 4.21 9.19
N ASP A 72 19.63 3.33 10.17
CA ASP A 72 18.54 3.43 11.15
C ASP A 72 17.14 3.19 10.60
N LYS A 73 17.03 2.64 9.38
CA LYS A 73 15.71 2.41 8.81
C LYS A 73 15.29 0.95 8.74
N SER A 74 16.19 0.05 9.10
CA SER A 74 15.86 -1.36 9.05
C SER A 74 14.84 -1.74 10.13
N LEU A 75 13.88 -2.56 9.73
CA LEU A 75 12.85 -3.03 10.64
C LEU A 75 12.63 -4.53 10.44
N PHE A 76 13.02 -5.32 11.45
CA PHE A 76 12.86 -6.78 11.40
C PHE A 76 11.58 -7.10 12.17
N TRP A 77 11.06 -8.32 12.05
CA TRP A 77 9.82 -8.67 12.73
C TRP A 77 9.46 -10.14 12.70
N GLU A 78 8.39 -10.50 13.42
CA GLU A 78 7.91 -11.86 13.47
C GLU A 78 6.45 -11.78 13.86
N ASN A 79 5.63 -12.55 13.15
CA ASN A 79 4.20 -12.59 13.46
C ASN A 79 3.56 -11.21 13.50
N SER A 80 3.94 -10.34 12.57
CA SER A 80 3.40 -8.99 12.53
C SER A 80 3.36 -8.45 11.10
N HIS A 81 3.35 -9.36 10.13
CA HIS A 81 3.41 -8.95 8.73
C HIS A 81 2.60 -7.72 8.30
N LEU A 82 1.28 -7.82 8.36
CA LEU A 82 0.40 -6.71 7.95
C LEU A 82 0.68 -5.42 8.72
N LEU A 83 0.89 -5.51 10.03
CA LEU A 83 1.15 -4.31 10.84
C LEU A 83 2.46 -3.66 10.42
N VAL A 84 3.49 -4.47 10.18
CA VAL A 84 4.80 -3.95 9.76
C VAL A 84 4.67 -3.23 8.42
N ASN A 85 3.93 -3.82 7.49
CA ASN A 85 3.75 -3.18 6.19
C ASN A 85 3.00 -1.86 6.29
N SER A 86 1.95 -1.81 7.11
CA SER A 86 1.19 -0.58 7.25
C SER A 86 2.00 0.49 7.97
N PHE A 87 2.73 0.07 9.01
CA PHE A 87 3.50 1.04 9.76
C PHE A 87 4.63 1.62 8.90
N ALA A 88 5.37 0.75 8.23
CA ALA A 88 6.47 1.19 7.36
C ALA A 88 5.96 2.22 6.36
N ASP A 89 4.69 2.08 5.97
CA ASP A 89 4.06 2.98 5.03
C ASP A 89 4.85 3.21 3.74
N ASN A 90 5.06 2.13 3.00
CA ASN A 90 5.74 2.18 1.71
C ASN A 90 7.09 2.91 1.73
N THR A 91 7.94 2.58 2.70
CA THR A 91 9.27 3.17 2.82
C THR A 91 9.32 4.50 3.59
N ARG A 92 8.17 5.14 3.71
CA ARG A 92 8.07 6.43 4.39
C ARG A 92 8.55 6.51 5.85
N ARG A 93 8.22 5.52 6.67
CA ARG A 93 8.66 5.55 8.06
C ARG A 93 9.85 4.62 8.31
N PHE A 94 9.79 3.43 7.74
CA PHE A 94 10.86 2.45 7.89
C PHE A 94 10.98 1.65 6.62
N MET A 95 12.06 0.89 6.51
CA MET A 95 12.26 0.09 5.32
C MET A 95 12.48 -1.39 5.63
N PRO A 96 11.40 -2.11 5.97
CA PRO A 96 11.50 -3.54 6.27
C PRO A 96 11.83 -4.25 4.95
N LEU A 97 12.16 -5.54 5.01
CA LEU A 97 12.50 -6.28 3.79
C LEU A 97 11.45 -6.17 2.69
N SER A 98 10.18 -6.12 3.06
CA SER A 98 9.12 -6.01 2.06
C SER A 98 9.17 -4.66 1.35
N ASP A 99 9.91 -3.71 1.92
CA ASP A 99 10.05 -2.40 1.30
C ASP A 99 11.45 -2.15 0.71
N VAL A 100 12.15 -3.23 0.45
CA VAL A 100 13.47 -3.17 -0.19
C VAL A 100 13.16 -3.83 -1.53
N LEU A 101 13.80 -3.38 -2.61
CA LEU A 101 13.51 -3.94 -3.92
C LEU A 101 13.35 -5.46 -4.02
N TYR A 102 14.37 -6.21 -3.61
CA TYR A 102 14.28 -7.68 -3.73
C TYR A 102 13.22 -8.32 -2.84
N GLY A 103 12.74 -7.59 -1.84
CA GLY A 103 11.71 -8.12 -0.97
C GLY A 103 10.34 -7.74 -1.51
N ARG A 104 10.22 -6.49 -1.94
CA ARG A 104 9.00 -5.95 -2.49
C ARG A 104 8.38 -6.79 -3.61
N VAL A 105 9.21 -7.30 -4.52
CA VAL A 105 8.68 -8.07 -5.64
C VAL A 105 8.10 -9.43 -5.29
N ALA A 106 8.37 -9.92 -4.09
CA ALA A 106 7.86 -11.24 -3.70
C ALA A 106 6.95 -11.25 -2.48
N ASP A 107 6.74 -10.09 -1.86
CA ASP A 107 5.89 -9.99 -0.68
C ASP A 107 4.51 -10.63 -0.95
N PHE A 108 4.18 -11.64 -0.16
CA PHE A 108 2.89 -12.35 -0.26
C PHE A 108 2.74 -13.30 -1.43
N LEU A 109 3.72 -13.37 -2.32
CA LEU A 109 3.58 -14.24 -3.48
C LEU A 109 4.06 -15.65 -3.24
N SER A 110 3.65 -16.56 -4.10
CA SER A 110 4.08 -17.94 -3.95
C SER A 110 4.49 -18.44 -5.33
N TRP A 111 5.41 -19.39 -5.38
CA TRP A 111 5.88 -19.89 -6.66
C TRP A 111 6.66 -21.19 -6.55
N CYS A 112 6.62 -21.98 -7.62
CA CYS A 112 7.34 -23.25 -7.69
C CYS A 112 6.99 -23.92 -9.02
N ARG A 113 7.96 -24.62 -9.61
CA ARG A 113 7.71 -25.32 -10.87
C ARG A 113 7.01 -26.62 -10.53
N GLN A 114 6.33 -27.21 -11.51
CA GLN A 114 5.65 -28.48 -11.28
C GLN A 114 6.67 -29.55 -10.97
N LYS A 115 6.25 -30.57 -10.21
CA LYS A 115 7.13 -31.66 -9.82
C LYS A 115 7.89 -32.26 -11.00
N ALA A 116 7.17 -32.63 -12.06
CA ALA A 116 7.80 -33.21 -13.24
C ALA A 116 7.28 -32.65 -14.55
N ASP A 117 7.28 -31.32 -14.66
CA ASP A 117 6.82 -30.64 -15.86
C ASP A 117 7.34 -29.20 -15.82
N SER A 118 7.79 -28.70 -16.97
CA SER A 118 8.33 -27.34 -17.07
C SER A 118 7.41 -26.24 -16.57
N GLY A 119 6.10 -26.43 -16.72
CA GLY A 119 5.15 -25.41 -16.28
C GLY A 119 5.10 -25.16 -14.78
N LEU A 120 4.69 -23.95 -14.39
CA LEU A 120 4.60 -23.59 -12.99
C LEU A 120 3.43 -24.34 -12.34
N ASP A 121 3.54 -24.62 -11.05
CA ASP A 121 2.49 -25.34 -10.34
C ASP A 121 1.55 -24.38 -9.62
N TYR A 122 0.36 -24.16 -10.18
CA TYR A 122 -0.60 -23.26 -9.55
C TYR A 122 -1.51 -24.01 -8.59
N GLN A 123 -1.27 -25.31 -8.47
CA GLN A 123 -2.07 -26.16 -7.59
C GLN A 123 -1.58 -26.09 -6.15
N SER A 124 -0.28 -26.27 -5.96
CA SER A 124 0.31 -26.20 -4.63
C SER A 124 1.84 -26.15 -4.71
N CYS A 125 2.47 -25.73 -3.61
CA CYS A 125 3.91 -25.65 -3.54
C CYS A 125 4.34 -26.20 -2.19
N PRO A 126 5.53 -26.79 -2.11
CA PRO A 126 6.06 -27.37 -0.88
C PRO A 126 6.37 -26.39 0.26
N THR A 127 6.20 -26.90 1.49
CA THR A 127 6.48 -26.13 2.69
C THR A 127 7.80 -26.72 3.19
N SER A 128 8.37 -26.14 4.25
CA SER A 128 9.61 -26.68 4.76
C SER A 128 9.41 -28.15 5.11
N GLU A 129 8.18 -28.51 5.44
CA GLU A 129 7.85 -29.89 5.79
C GLU A 129 8.03 -30.81 4.58
N ASP A 130 7.40 -30.45 3.47
CA ASP A 130 7.49 -31.22 2.24
C ASP A 130 8.96 -31.42 1.88
N CYS A 131 9.76 -30.37 2.07
CA CYS A 131 11.19 -30.41 1.80
C CYS A 131 11.83 -29.07 2.14
N GLU A 132 13.08 -29.11 2.60
CA GLU A 132 13.83 -27.94 3.01
C GLU A 132 14.09 -26.93 1.89
N ASN A 133 14.57 -27.41 0.75
CA ASN A 133 14.91 -26.53 -0.34
C ASN A 133 13.82 -26.24 -1.38
N ASN A 134 12.74 -25.60 -0.95
CA ASN A 134 11.68 -25.24 -1.87
C ASN A 134 11.96 -23.79 -2.30
N PRO A 135 11.53 -23.40 -3.50
CA PRO A 135 11.75 -22.05 -4.03
C PRO A 135 11.47 -20.89 -3.09
N VAL A 136 10.33 -20.91 -2.42
CA VAL A 136 9.97 -19.83 -1.52
C VAL A 136 10.84 -19.67 -0.28
N ASP A 137 11.14 -20.76 0.43
CA ASP A 137 11.97 -20.63 1.62
C ASP A 137 13.41 -20.28 1.28
N SER A 138 13.95 -20.89 0.23
CA SER A 138 15.32 -20.60 -0.18
C SER A 138 15.45 -19.13 -0.57
N PHE A 139 14.39 -18.60 -1.18
CA PHE A 139 14.38 -17.21 -1.59
C PHE A 139 14.48 -16.30 -0.37
N TRP A 140 13.62 -16.52 0.61
CA TRP A 140 13.63 -15.66 1.79
C TRP A 140 14.89 -15.79 2.63
N LYS A 141 15.50 -16.97 2.61
CA LYS A 141 16.74 -17.15 3.35
C LYS A 141 17.80 -16.25 2.71
N ARG A 142 17.87 -16.27 1.37
CA ARG A 142 18.84 -15.46 0.64
C ARG A 142 18.57 -13.97 0.79
N ALA A 143 17.30 -13.59 0.73
CA ALA A 143 16.94 -12.18 0.87
C ALA A 143 17.13 -11.70 2.32
N SER A 144 16.90 -12.59 3.28
CA SER A 144 17.08 -12.25 4.69
C SER A 144 18.53 -11.93 4.99
N ILE A 145 19.40 -12.85 4.57
CA ILE A 145 20.82 -12.69 4.77
C ILE A 145 21.29 -11.35 4.22
N GLN A 146 20.93 -11.08 2.97
CA GLN A 146 21.33 -9.83 2.33
C GLN A 146 20.81 -8.61 3.08
N TYR A 147 19.53 -8.66 3.46
CA TYR A 147 18.90 -7.57 4.19
C TYR A 147 19.63 -7.30 5.50
N SER A 148 20.00 -8.35 6.20
CA SER A 148 20.71 -8.22 7.47
C SER A 148 22.10 -7.65 7.28
N LYS A 149 22.84 -8.22 6.34
CA LYS A 149 24.20 -7.75 6.08
C LYS A 149 24.25 -6.29 5.73
N ASP A 150 23.25 -5.79 5.03
CA ASP A 150 23.25 -4.40 4.62
C ASP A 150 22.61 -3.41 5.59
N SER A 151 22.15 -3.89 6.74
CA SER A 151 21.54 -3.00 7.72
C SER A 151 22.59 -2.35 8.59
N SER A 152 22.33 -1.13 9.04
CA SER A 152 23.27 -0.41 9.89
C SER A 152 22.56 0.58 10.81
N GLY A 153 23.29 1.09 11.79
CA GLY A 153 22.72 2.04 12.73
C GLY A 153 21.84 1.36 13.75
N VAL A 154 20.73 2.00 14.10
CA VAL A 154 19.78 1.44 15.06
C VAL A 154 18.91 0.39 14.39
N ILE A 155 18.93 -0.82 14.93
CA ILE A 155 18.15 -1.93 14.40
C ILE A 155 16.83 -2.04 15.15
N HIS A 156 15.71 -1.90 14.45
CA HIS A 156 14.40 -2.01 15.06
C HIS A 156 13.78 -3.37 14.76
N VAL A 157 13.05 -3.91 15.74
CA VAL A 157 12.42 -5.22 15.58
C VAL A 157 11.01 -5.20 16.16
N MET A 158 10.03 -5.60 15.37
CA MET A 158 8.66 -5.63 15.86
C MET A 158 8.23 -7.08 16.08
N LEU A 159 7.88 -7.41 17.31
CA LEU A 159 7.44 -8.77 17.65
C LEU A 159 5.99 -8.71 18.13
N ASN A 160 5.33 -9.86 18.14
CA ASN A 160 3.93 -9.96 18.55
C ASN A 160 3.82 -10.63 19.92
N GLY A 161 3.50 -9.84 20.94
CA GLY A 161 3.36 -10.36 22.28
C GLY A 161 2.03 -11.07 22.53
N SER A 162 1.21 -11.20 21.49
CA SER A 162 -0.07 -11.89 21.61
C SER A 162 -0.02 -13.26 20.93
N GLU A 163 1.10 -13.55 20.27
CA GLU A 163 1.31 -14.84 19.62
C GLU A 163 1.39 -15.93 20.69
N PRO A 164 0.57 -16.98 20.59
CA PRO A 164 0.52 -18.09 21.54
C PRO A 164 1.84 -18.85 21.76
N THR A 165 2.73 -18.79 20.79
CA THR A 165 4.01 -19.48 20.91
C THR A 165 5.11 -18.59 21.45
N GLY A 166 4.73 -17.41 21.93
CA GLY A 166 5.71 -16.48 22.45
C GLY A 166 6.09 -15.44 21.41
N ALA A 167 6.77 -14.39 21.84
CA ALA A 167 7.19 -13.33 20.93
C ALA A 167 8.37 -13.69 20.02
N TYR A 168 9.30 -14.49 20.53
CA TYR A 168 10.50 -14.87 19.80
C TYR A 168 10.57 -16.35 19.42
N PRO A 169 10.45 -16.65 18.13
CA PRO A 169 10.51 -18.05 17.67
C PRO A 169 11.99 -18.41 17.53
N ILE A 170 12.49 -19.33 18.35
CA ILE A 170 13.91 -19.70 18.26
C ILE A 170 14.29 -20.32 16.93
N LYS A 171 13.29 -20.76 16.17
CA LYS A 171 13.51 -21.31 14.85
C LYS A 171 12.68 -20.47 13.90
N GLY A 172 13.36 -19.56 13.21
CA GLY A 172 12.68 -18.67 12.29
C GLY A 172 13.70 -17.86 11.53
N PHE A 173 13.24 -17.10 10.54
CA PHE A 173 14.16 -16.30 9.73
C PHE A 173 14.94 -15.31 10.56
N PHE A 174 14.31 -14.68 11.54
CA PHE A 174 15.01 -13.70 12.36
C PHE A 174 16.12 -14.34 13.19
N ALA A 175 15.82 -15.48 13.80
CA ALA A 175 16.80 -16.16 14.64
C ALA A 175 17.91 -16.87 13.86
N ASP A 176 17.54 -17.59 12.80
CA ASP A 176 18.52 -18.35 12.02
C ASP A 176 19.15 -17.70 10.81
N TYR A 177 18.57 -16.62 10.31
CA TYR A 177 19.14 -16.01 9.12
C TYR A 177 19.42 -14.53 9.18
N GLU A 178 18.92 -13.84 10.20
CA GLU A 178 19.17 -12.42 10.24
C GLU A 178 20.08 -12.02 11.38
N ILE A 179 19.77 -12.49 12.58
CA ILE A 179 20.58 -12.16 13.74
C ILE A 179 22.05 -12.54 13.52
N PRO A 180 22.31 -13.75 12.99
CA PRO A 180 23.69 -14.18 12.75
C PRO A 180 24.39 -13.40 11.66
N ASN A 181 23.62 -12.63 10.88
CA ASN A 181 24.20 -11.88 9.77
C ASN A 181 24.25 -10.37 10.00
N LEU A 182 23.89 -9.94 11.20
CA LEU A 182 23.96 -8.53 11.54
C LEU A 182 25.45 -8.19 11.67
N GLN A 183 25.88 -7.10 11.02
CA GLN A 183 27.26 -6.67 11.09
C GLN A 183 27.44 -5.82 12.36
N LYS A 184 27.95 -6.46 13.41
CA LYS A 184 28.16 -5.83 14.70
C LYS A 184 28.84 -4.46 14.62
N GLU A 185 29.93 -4.38 13.86
CA GLU A 185 30.68 -3.14 13.73
C GLU A 185 29.88 -1.93 13.24
N LYS A 186 28.87 -2.13 12.41
CA LYS A 186 28.10 -0.98 11.92
C LYS A 186 26.71 -0.83 12.53
N ILE A 187 26.47 -1.50 13.65
CA ILE A 187 25.19 -1.42 14.33
C ILE A 187 25.33 -0.69 15.66
N THR A 188 24.55 0.38 15.85
CA THR A 188 24.62 1.15 17.09
C THR A 188 23.90 0.43 18.24
N ARG A 189 22.63 0.07 18.02
CA ARG A 189 21.85 -0.63 19.05
C ARG A 189 20.62 -1.32 18.47
N ILE A 190 20.05 -2.23 19.23
CA ILE A 190 18.87 -2.97 18.79
C ILE A 190 17.70 -2.66 19.72
N GLU A 191 16.63 -2.10 19.16
CA GLU A 191 15.44 -1.73 19.90
C GLU A 191 14.26 -2.62 19.49
N ILE A 192 13.73 -3.37 20.46
CA ILE A 192 12.61 -4.27 20.21
C ILE A 192 11.27 -3.67 20.59
N TRP A 193 10.26 -3.87 19.75
CA TRP A 193 8.92 -3.39 20.05
C TRP A 193 8.07 -4.65 20.23
N VAL A 194 7.59 -4.89 21.44
CA VAL A 194 6.74 -6.06 21.70
C VAL A 194 5.30 -5.55 21.70
N MET A 195 4.58 -5.79 20.61
CA MET A 195 3.21 -5.32 20.48
C MET A 195 2.15 -6.32 20.91
N HIS A 196 1.08 -5.82 21.51
CA HIS A 196 -0.03 -6.66 21.94
C HIS A 196 -1.29 -6.20 21.21
N GLU A 197 -2.20 -7.14 20.94
CA GLU A 197 -3.45 -6.79 20.28
C GLU A 197 -4.26 -5.94 21.24
N ILE A 198 -5.07 -5.02 20.71
CA ILE A 198 -5.88 -4.16 21.55
C ILE A 198 -6.73 -5.03 22.46
N GLY A 199 -6.49 -4.92 23.77
CA GLY A 199 -7.22 -5.73 24.73
C GLY A 199 -6.87 -7.20 24.56
N GLY A 200 -6.28 -7.54 23.41
CA GLY A 200 -5.89 -8.90 23.10
C GLY A 200 -5.06 -9.49 24.22
N PRO A 201 -4.70 -10.77 24.14
CA PRO A 201 -3.91 -11.44 25.17
C PRO A 201 -2.46 -10.99 25.31
N ASN A 202 -2.03 -10.81 26.56
CA ASN A 202 -0.67 -10.44 26.85
C ASN A 202 0.08 -11.74 27.15
N VAL A 203 0.37 -12.51 26.12
CA VAL A 203 1.08 -13.77 26.28
C VAL A 203 2.49 -13.54 26.82
N GLU A 204 3.19 -12.58 26.22
CA GLU A 204 4.55 -12.24 26.64
C GLU A 204 4.84 -10.75 26.48
N SER A 205 5.64 -10.22 27.41
CA SER A 205 6.06 -8.83 27.38
C SER A 205 7.58 -8.82 27.50
N CYS A 206 8.17 -7.64 27.38
CA CYS A 206 9.61 -7.50 27.49
C CYS A 206 10.12 -8.23 28.74
N GLY A 207 11.17 -9.02 28.58
CA GLY A 207 11.75 -9.75 29.69
C GLY A 207 11.06 -11.03 30.14
N GLU A 208 10.08 -11.52 29.38
CA GLU A 208 9.39 -12.75 29.79
C GLU A 208 9.49 -13.86 28.74
N GLY A 209 9.51 -15.11 29.21
CA GLY A 209 9.59 -16.25 28.31
C GLY A 209 10.60 -16.10 27.19
N SER A 210 10.17 -16.33 25.95
CA SER A 210 11.07 -16.23 24.80
C SER A 210 11.81 -14.89 24.69
N MET A 211 11.28 -13.84 25.31
CA MET A 211 11.96 -12.54 25.27
C MET A 211 13.28 -12.56 26.04
N LYS A 212 13.33 -13.36 27.11
CA LYS A 212 14.57 -13.47 27.89
C LYS A 212 15.62 -14.20 27.07
N VAL A 213 15.18 -15.19 26.30
CA VAL A 213 16.08 -15.98 25.46
C VAL A 213 16.71 -15.07 24.41
N LEU A 214 15.89 -14.24 23.78
CA LEU A 214 16.36 -13.32 22.74
C LEU A 214 17.31 -12.29 23.33
N GLU A 215 16.88 -11.65 24.41
CA GLU A 215 17.70 -10.64 25.06
C GLU A 215 19.05 -11.21 25.47
N LYS A 216 19.04 -12.41 26.04
CA LYS A 216 20.29 -13.03 26.46
C LYS A 216 21.21 -13.22 25.25
N ARG A 217 20.65 -13.73 24.16
CA ARG A 217 21.46 -13.96 22.96
C ARG A 217 22.04 -12.66 22.43
N LEU A 218 21.19 -11.67 22.22
CA LEU A 218 21.67 -10.41 21.71
C LEU A 218 22.75 -9.83 22.61
N LYS A 219 22.57 -9.95 23.93
CA LYS A 219 23.56 -9.44 24.85
C LYS A 219 24.85 -10.24 24.84
N ASP A 220 24.74 -11.57 24.79
CA ASP A 220 25.94 -12.40 24.75
C ASP A 220 26.72 -12.12 23.47
N MET A 221 26.05 -11.51 22.49
CA MET A 221 26.67 -11.19 21.22
C MET A 221 27.30 -9.81 21.24
N GLY A 222 27.14 -9.13 22.37
CA GLY A 222 27.72 -7.80 22.52
C GLY A 222 26.91 -6.63 21.99
N PHE A 223 25.63 -6.83 21.73
CA PHE A 223 24.81 -5.72 21.24
C PHE A 223 24.25 -4.90 22.39
N GLN A 224 24.04 -3.61 22.14
CA GLN A 224 23.44 -2.76 23.13
C GLN A 224 21.96 -3.09 22.88
N TYR A 225 21.27 -3.56 23.92
CA TYR A 225 19.88 -4.00 23.81
C TYR A 225 18.85 -3.07 24.48
N SER A 226 17.64 -3.04 23.91
CA SER A 226 16.55 -2.21 24.41
C SER A 226 15.21 -2.84 24.00
N CYS A 227 14.22 -2.78 24.89
CA CYS A 227 12.92 -3.38 24.61
C CYS A 227 11.77 -2.48 25.07
N ILE A 228 10.81 -2.24 24.19
CA ILE A 228 9.66 -1.39 24.51
C ILE A 228 8.34 -2.12 24.29
N ASN A 229 7.50 -2.14 25.32
CA ASN A 229 6.18 -2.78 25.20
C ASN A 229 5.23 -1.79 24.55
N ASP A 230 4.53 -2.23 23.52
CA ASP A 230 3.57 -1.41 22.82
C ASP A 230 4.02 0.00 22.45
N TYR A 231 5.11 0.05 21.68
CA TYR A 231 5.68 1.30 21.19
C TYR A 231 4.49 2.13 20.70
N ARG A 232 4.31 3.32 21.30
CA ARG A 232 3.18 4.20 21.01
C ARG A 232 2.77 4.43 19.55
N PRO A 233 3.71 4.88 18.69
CA PRO A 233 3.36 5.12 17.28
C PRO A 233 2.62 3.94 16.65
N VAL A 234 3.08 2.72 16.96
CA VAL A 234 2.45 1.52 16.44
C VAL A 234 1.13 1.26 17.15
N LYS A 235 1.08 1.54 18.45
CA LYS A 235 -0.15 1.34 19.19
C LYS A 235 -1.21 2.24 18.58
N LEU A 236 -0.81 3.48 18.25
CA LEU A 236 -1.73 4.43 17.66
C LEU A 236 -2.27 3.89 16.34
N LEU A 237 -1.43 3.18 15.59
CA LEU A 237 -1.90 2.63 14.32
C LEU A 237 -2.89 1.49 14.56
N GLN A 238 -2.62 0.64 15.55
CA GLN A 238 -3.53 -0.46 15.86
C GLN A 238 -4.88 0.13 16.28
N CYS A 239 -4.80 1.18 17.09
CA CYS A 239 -5.97 1.88 17.60
C CYS A 239 -6.96 2.38 16.55
N VAL A 240 -6.46 2.61 15.34
CA VAL A 240 -7.31 3.08 14.25
C VAL A 240 -8.55 2.21 14.08
N ASP A 241 -8.41 0.91 14.35
CA ASP A 241 -9.53 -0.02 14.21
C ASP A 241 -10.28 -0.31 15.52
N HIS A 242 -9.88 0.38 16.59
CA HIS A 242 -10.50 0.20 17.88
C HIS A 242 -10.58 1.56 18.56
N SER A 243 -11.18 2.51 17.85
CA SER A 243 -11.29 3.89 18.33
C SER A 243 -12.10 4.07 19.61
N THR A 244 -13.10 3.21 19.84
CA THR A 244 -13.92 3.34 21.03
C THR A 244 -13.44 2.49 22.20
N HIS A 245 -12.34 1.77 22.01
CA HIS A 245 -11.81 0.91 23.07
C HIS A 245 -11.07 1.77 24.11
N PRO A 246 -11.18 1.40 25.39
CA PRO A 246 -10.49 2.18 26.43
C PRO A 246 -8.97 2.29 26.28
N ASP A 247 -8.35 1.31 25.64
CA ASP A 247 -6.89 1.37 25.46
C ASP A 247 -6.52 2.42 24.41
N CYS A 248 -7.52 2.87 23.66
CA CYS A 248 -7.28 3.84 22.60
C CYS A 248 -7.87 5.23 22.81
N ALA A 249 -8.45 5.46 23.98
CA ALA A 249 -9.06 6.75 24.30
C ALA A 249 -8.01 7.84 24.37
N LEU A 250 -8.35 9.03 23.86
CA LEU A 250 -7.44 10.17 23.87
C LEU A 250 -7.72 11.10 25.04
N LYS A 251 -6.71 11.87 25.45
CA LYS A 251 -6.87 12.80 26.56
C LYS A 251 -7.58 14.07 26.09
N TRP B 2 4.64 20.72 -21.96
CA TRP B 2 3.42 21.45 -21.53
C TRP B 2 3.60 22.09 -20.16
N ARG B 3 2.84 21.62 -19.17
CA ARG B 3 2.94 22.17 -17.82
C ARG B 3 2.80 21.10 -16.74
N ALA B 4 2.29 19.93 -17.11
CA ALA B 4 2.13 18.83 -16.17
C ALA B 4 3.23 17.80 -16.44
N GLU B 5 3.35 16.81 -15.56
CA GLU B 5 4.37 15.78 -15.72
C GLU B 5 4.13 14.87 -16.91
N GLY B 6 5.22 14.45 -17.54
CA GLY B 6 5.14 13.57 -18.69
C GLY B 6 4.63 12.22 -18.24
N THR B 7 4.18 11.39 -19.18
CA THR B 7 3.67 10.09 -18.81
C THR B 7 4.63 9.31 -17.91
N SER B 8 4.06 8.52 -17.02
CA SER B 8 4.82 7.72 -16.06
C SER B 8 5.69 6.69 -16.76
N ALA B 9 6.90 6.51 -16.26
CA ALA B 9 7.83 5.55 -16.82
C ALA B 9 7.31 4.14 -16.56
N HIS B 10 7.38 3.28 -17.57
CA HIS B 10 6.92 1.90 -17.46
C HIS B 10 5.44 1.82 -17.13
N LEU B 11 4.68 2.77 -17.67
CA LEU B 11 3.24 2.85 -17.49
C LEU B 11 2.50 1.52 -17.67
N ARG B 12 2.77 0.82 -18.77
CA ARG B 12 2.09 -0.44 -19.04
C ARG B 12 2.33 -1.48 -17.94
N ASP B 13 3.59 -1.72 -17.62
CA ASP B 13 3.94 -2.69 -16.59
C ASP B 13 3.25 -2.36 -15.27
N ILE B 14 3.33 -1.09 -14.85
CA ILE B 14 2.69 -0.68 -13.60
C ILE B 14 1.20 -0.97 -13.68
N PHE B 15 0.59 -0.50 -14.76
CA PHE B 15 -0.84 -0.67 -15.03
C PHE B 15 -1.29 -2.12 -14.91
N LEU B 16 -0.61 -3.01 -15.63
CA LEU B 16 -0.97 -4.42 -15.60
C LEU B 16 -0.69 -5.06 -14.25
N GLY B 17 0.39 -4.63 -13.61
CA GLY B 17 0.75 -5.16 -12.32
C GLY B 17 -0.36 -4.90 -11.32
N ARG B 18 -0.75 -3.62 -11.22
CA ARG B 18 -1.80 -3.22 -10.30
C ARG B 18 -3.11 -3.93 -10.63
N CYS B 19 -3.40 -4.05 -11.92
CA CYS B 19 -4.62 -4.70 -12.34
C CYS B 19 -4.64 -6.15 -11.87
N ALA B 20 -3.54 -6.86 -12.10
CA ALA B 20 -3.46 -8.26 -11.67
C ALA B 20 -3.60 -8.40 -10.15
N GLU B 21 -2.95 -7.51 -9.40
CA GLU B 21 -3.04 -7.59 -7.94
C GLU B 21 -4.43 -7.25 -7.44
N TYR B 22 -5.12 -6.35 -8.11
CA TYR B 22 -6.46 -5.99 -7.68
C TYR B 22 -7.44 -7.13 -7.92
N ARG B 23 -7.20 -7.93 -8.97
CA ARG B 23 -8.10 -9.04 -9.26
C ARG B 23 -8.31 -9.91 -8.05
N ALA B 24 -7.24 -10.13 -7.29
CA ALA B 24 -7.29 -10.95 -6.09
C ALA B 24 -8.25 -10.40 -5.03
N LEU B 25 -8.48 -9.10 -5.05
CA LEU B 25 -9.37 -8.46 -4.10
C LEU B 25 -10.84 -8.58 -4.48
N LEU B 26 -11.11 -8.85 -5.75
CA LEU B 26 -12.47 -8.99 -6.22
C LEU B 26 -13.07 -10.34 -5.81
N SER B 27 -14.38 -10.36 -5.61
CA SER B 27 -15.07 -11.60 -5.26
C SER B 27 -15.10 -12.51 -6.49
N PRO B 28 -14.97 -13.84 -6.29
CA PRO B 28 -14.99 -14.81 -7.38
C PRO B 28 -16.06 -14.55 -8.42
N GLU B 29 -17.13 -13.89 -8.01
CA GLU B 29 -18.24 -13.57 -8.90
C GLU B 29 -17.86 -12.63 -10.05
N GLN B 30 -17.02 -11.64 -9.77
CA GLN B 30 -16.60 -10.68 -10.79
C GLN B 30 -15.10 -10.63 -10.99
N ARG B 31 -14.39 -11.62 -10.46
CA ARG B 31 -12.94 -11.68 -10.57
C ARG B 31 -12.44 -11.93 -12.00
N ASN B 32 -13.36 -12.32 -12.88
CA ASN B 32 -13.01 -12.59 -14.27
C ASN B 32 -12.73 -11.30 -15.07
N LYS B 33 -11.60 -10.68 -14.81
CA LYS B 33 -11.23 -9.46 -15.51
C LYS B 33 -10.04 -9.73 -16.43
N ASP B 34 -10.05 -9.08 -17.59
CA ASP B 34 -8.96 -9.26 -18.55
C ASP B 34 -8.12 -7.98 -18.55
N CYS B 35 -7.04 -8.00 -17.78
CA CYS B 35 -6.15 -6.86 -17.67
C CYS B 35 -5.57 -6.37 -18.99
N THR B 36 -5.20 -7.29 -19.86
CA THR B 36 -4.64 -6.91 -21.16
C THR B 36 -5.69 -6.15 -21.98
N ALA B 37 -6.92 -6.63 -21.97
CA ALA B 37 -8.00 -5.97 -22.70
C ALA B 37 -8.28 -4.63 -22.02
N ILE B 38 -8.24 -4.61 -20.69
CA ILE B 38 -8.50 -3.38 -19.98
C ILE B 38 -7.42 -2.37 -20.38
N TRP B 39 -6.19 -2.86 -20.53
CA TRP B 39 -5.10 -2.00 -20.94
C TRP B 39 -5.31 -1.47 -22.37
N GLU B 40 -5.77 -2.33 -23.28
CA GLU B 40 -6.01 -1.91 -24.66
C GLU B 40 -7.11 -0.86 -24.77
N ALA B 41 -8.20 -1.04 -24.02
CA ALA B 41 -9.31 -0.09 -24.03
C ALA B 41 -8.86 1.29 -23.53
N PHE B 42 -7.95 1.27 -22.55
CA PHE B 42 -7.40 2.50 -21.96
C PHE B 42 -6.44 3.17 -22.96
N LYS B 43 -5.73 2.34 -23.72
CA LYS B 43 -4.76 2.82 -24.68
C LYS B 43 -5.41 3.61 -25.84
N VAL B 44 -6.72 3.40 -26.04
CA VAL B 44 -7.42 4.11 -27.11
C VAL B 44 -7.26 5.62 -26.95
N ALA B 45 -7.12 6.08 -25.72
CA ALA B 45 -6.95 7.50 -25.44
C ALA B 45 -5.50 7.94 -25.63
N LEU B 46 -4.58 6.99 -25.59
CA LEU B 46 -3.17 7.30 -25.78
C LEU B 46 -2.79 7.48 -27.25
N ASP B 47 -3.69 7.11 -28.15
CA ASP B 47 -3.40 7.26 -29.57
C ASP B 47 -4.21 8.41 -30.14
N LYS B 48 -4.41 9.44 -29.32
CA LYS B 48 -5.17 10.62 -29.74
C LYS B 48 -4.39 11.88 -29.42
N ASP B 49 -4.76 12.99 -30.04
CA ASP B 49 -4.11 14.25 -29.76
C ASP B 49 -4.32 14.51 -28.27
N PRO B 50 -3.24 14.85 -27.56
CA PRO B 50 -3.27 15.12 -26.11
C PRO B 50 -4.21 16.24 -25.66
N CYS B 51 -5.00 16.77 -26.58
CA CYS B 51 -5.95 17.83 -26.25
C CYS B 51 -7.32 17.55 -26.82
N SER B 52 -7.50 16.33 -27.33
CA SER B 52 -8.79 15.95 -27.90
C SER B 52 -9.33 14.66 -27.29
N VAL B 53 -8.97 14.40 -26.04
CA VAL B 53 -9.45 13.22 -25.35
C VAL B 53 -10.65 13.57 -24.50
N LEU B 54 -11.75 12.86 -24.74
CA LEU B 54 -13.00 13.10 -24.02
C LEU B 54 -13.25 12.00 -22.99
N PRO B 55 -13.98 12.33 -21.93
CA PRO B 55 -14.31 11.34 -20.89
C PRO B 55 -14.96 10.11 -21.52
N SER B 56 -15.76 10.34 -22.55
CA SER B 56 -16.45 9.23 -23.23
C SER B 56 -15.47 8.30 -23.94
N ASP B 57 -14.25 8.78 -24.18
CA ASP B 57 -13.26 7.96 -24.85
C ASP B 57 -12.84 6.81 -23.95
N TYR B 58 -13.20 6.90 -22.67
CA TYR B 58 -12.86 5.85 -21.72
C TYR B 58 -14.06 4.96 -21.39
N ASP B 59 -15.12 5.04 -22.20
CA ASP B 59 -16.31 4.22 -21.95
C ASP B 59 -16.01 2.72 -21.98
N LEU B 60 -15.25 2.28 -22.97
CA LEU B 60 -14.93 0.86 -23.08
C LEU B 60 -14.07 0.44 -21.89
N PHE B 61 -13.07 1.26 -21.58
CA PHE B 61 -12.18 0.99 -20.46
C PHE B 61 -13.02 0.74 -19.20
N ILE B 62 -14.00 1.62 -18.96
CA ILE B 62 -14.87 1.49 -17.80
C ILE B 62 -15.70 0.22 -17.91
N THR B 63 -16.30 -0.01 -19.07
CA THR B 63 -17.13 -1.18 -19.29
C THR B 63 -16.38 -2.47 -18.90
N LEU B 64 -15.12 -2.58 -19.34
CA LEU B 64 -14.31 -3.75 -19.04
C LEU B 64 -13.74 -3.86 -17.62
N SER B 65 -13.67 -2.74 -16.88
CA SER B 65 -13.10 -2.82 -15.54
C SER B 65 -14.11 -2.57 -14.42
N ARG B 66 -15.29 -2.09 -14.78
CA ARG B 66 -16.32 -1.80 -13.80
C ARG B 66 -16.70 -3.00 -12.93
N HIS B 67 -17.06 -2.74 -11.69
CA HIS B 67 -17.49 -3.78 -10.77
C HIS B 67 -18.24 -3.10 -9.64
N SER B 68 -18.94 -3.89 -8.82
CA SER B 68 -19.73 -3.30 -7.74
C SER B 68 -18.90 -2.75 -6.58
N ILE B 69 -19.48 -1.80 -5.88
CA ILE B 69 -18.84 -1.18 -4.73
C ILE B 69 -19.75 -1.51 -3.55
N PRO B 70 -19.19 -2.09 -2.48
CA PRO B 70 -19.99 -2.45 -1.30
C PRO B 70 -20.77 -1.29 -0.70
N ARG B 71 -22.00 -1.55 -0.31
CA ARG B 71 -22.84 -0.53 0.30
C ARG B 71 -22.13 0.04 1.53
N ASP B 72 -22.23 1.35 1.72
CA ASP B 72 -21.62 2.03 2.85
C ASP B 72 -20.11 2.10 2.84
N LYS B 73 -19.47 1.59 1.79
CA LYS B 73 -18.01 1.60 1.74
C LYS B 73 -17.36 2.67 0.87
N SER B 74 -18.16 3.47 0.18
CA SER B 74 -17.59 4.52 -0.64
C SER B 74 -17.00 5.64 0.24
N LEU B 75 -15.95 6.26 -0.25
CA LEU B 75 -15.30 7.33 0.48
C LEU B 75 -14.79 8.38 -0.51
N PHE B 76 -15.44 9.55 -0.50
CA PHE B 76 -15.06 10.64 -1.37
C PHE B 76 -14.13 11.56 -0.59
N TRP B 77 -13.42 12.45 -1.26
CA TRP B 77 -12.48 13.33 -0.55
C TRP B 77 -11.94 14.47 -1.39
N GLU B 78 -11.19 15.35 -0.73
CA GLU B 78 -10.53 16.47 -1.38
C GLU B 78 -9.35 16.83 -0.49
N ASN B 79 -8.22 17.18 -1.11
CA ASN B 79 -7.03 17.60 -0.39
C ASN B 79 -6.58 16.68 0.74
N SER B 80 -6.57 15.38 0.49
CA SER B 80 -6.12 14.43 1.51
C SER B 80 -5.89 13.06 0.89
N HIS B 81 -5.39 13.07 -0.35
CA HIS B 81 -5.14 11.84 -1.10
C HIS B 81 -4.38 10.76 -0.34
N LEU B 82 -3.22 11.10 0.21
CA LEU B 82 -2.41 10.13 0.95
C LEU B 82 -3.09 9.62 2.21
N LEU B 83 -3.76 10.51 2.94
CA LEU B 83 -4.44 10.13 4.17
C LEU B 83 -5.55 9.15 3.84
N VAL B 84 -6.28 9.43 2.76
CA VAL B 84 -7.36 8.57 2.30
C VAL B 84 -6.84 7.19 1.90
N ASN B 85 -5.75 7.13 1.15
CA ASN B 85 -5.21 5.85 0.76
C ASN B 85 -4.76 5.02 1.96
N SER B 86 -4.13 5.64 2.94
CA SER B 86 -3.68 4.93 4.13
C SER B 86 -4.85 4.46 4.98
N PHE B 87 -5.85 5.32 5.16
CA PHE B 87 -6.99 4.96 5.96
C PHE B 87 -7.79 3.81 5.33
N ALA B 88 -8.09 3.95 4.04
CA ALA B 88 -8.85 2.95 3.29
C ALA B 88 -8.18 1.60 3.46
N ASP B 89 -6.86 1.63 3.58
CA ASP B 89 -6.06 0.44 3.78
C ASP B 89 -6.35 -0.66 2.74
N ASN B 90 -6.14 -0.32 1.48
CA ASN B 90 -6.31 -1.26 0.38
C ASN B 90 -7.59 -2.10 0.43
N THR B 91 -8.73 -1.43 0.57
CA THR B 91 -10.04 -2.09 0.61
C THR B 91 -10.52 -2.56 1.98
N ARG B 92 -9.61 -2.71 2.93
CA ARG B 92 -9.99 -3.17 4.27
C ARG B 92 -11.07 -2.32 4.96
N ARG B 93 -10.79 -1.03 5.16
CA ARG B 93 -11.74 -0.16 5.82
C ARG B 93 -12.81 0.46 4.91
N PHE B 94 -12.37 1.09 3.84
CA PHE B 94 -13.30 1.71 2.90
C PHE B 94 -12.83 1.50 1.48
N MET B 95 -13.68 1.82 0.51
CA MET B 95 -13.29 1.65 -0.87
C MET B 95 -13.34 2.93 -1.69
N PRO B 96 -12.32 3.80 -1.53
CA PRO B 96 -12.28 5.06 -2.30
C PRO B 96 -12.03 4.71 -3.77
N LEU B 97 -12.11 5.70 -4.65
CA LEU B 97 -11.90 5.46 -6.07
C LEU B 97 -10.57 4.78 -6.39
N SER B 98 -9.53 5.12 -5.63
CA SER B 98 -8.23 4.52 -5.87
C SER B 98 -8.20 3.06 -5.44
N ASP B 99 -9.25 2.60 -4.75
CA ASP B 99 -9.32 1.20 -4.32
C ASP B 99 -10.47 0.47 -5.04
N VAL B 100 -10.71 0.89 -6.27
CA VAL B 100 -11.73 0.31 -7.14
C VAL B 100 -10.86 0.05 -8.36
N LEU B 101 -11.08 -1.07 -9.06
CA LEU B 101 -10.24 -1.39 -10.22
C LEU B 101 -9.86 -0.24 -11.15
N TYR B 102 -10.84 0.39 -11.79
CA TYR B 102 -10.51 1.45 -12.74
C TYR B 102 -9.73 2.64 -12.18
N GLY B 103 -9.89 2.90 -10.88
CA GLY B 103 -9.15 3.99 -10.28
C GLY B 103 -7.77 3.51 -9.87
N ARG B 104 -7.72 2.28 -9.37
CA ARG B 104 -6.48 1.68 -8.91
C ARG B 104 -5.37 1.67 -9.94
N VAL B 105 -5.69 1.28 -11.16
CA VAL B 105 -4.67 1.22 -12.19
C VAL B 105 -4.07 2.56 -12.56
N ALA B 106 -4.74 3.66 -12.22
CA ALA B 106 -4.23 4.98 -12.59
C ALA B 106 -3.83 5.90 -11.43
N ASP B 107 -4.06 5.45 -10.20
CA ASP B 107 -3.75 6.27 -9.03
C ASP B 107 -2.32 6.82 -9.08
N PHE B 108 -2.19 8.15 -9.04
CA PHE B 108 -0.89 8.85 -9.08
C PHE B 108 -0.14 8.88 -10.41
N LEU B 109 -0.61 8.16 -11.42
CA LEU B 109 0.10 8.13 -12.70
C LEU B 109 -0.20 9.28 -13.64
N SER B 110 0.60 9.42 -14.70
CA SER B 110 0.39 10.48 -15.66
C SER B 110 0.59 9.91 -17.06
N TRP B 111 -0.15 10.42 -18.04
CA TRP B 111 -0.02 9.88 -19.39
C TRP B 111 -0.58 10.81 -20.47
N CYS B 112 -0.05 10.67 -21.66
CA CYS B 112 -0.46 11.46 -22.83
C CYS B 112 0.42 11.14 -24.02
N ARG B 113 -0.14 11.20 -25.22
CA ARG B 113 0.63 10.93 -26.44
C ARG B 113 1.37 12.20 -26.81
N GLN B 114 2.40 12.07 -27.64
CA GLN B 114 3.17 13.23 -28.08
C GLN B 114 2.29 14.05 -29.02
N LYS B 115 2.60 15.33 -29.14
CA LYS B 115 1.86 16.25 -30.00
C LYS B 115 1.71 15.78 -31.43
N ALA B 116 2.83 15.65 -32.14
CA ALA B 116 2.82 15.23 -33.53
C ALA B 116 3.39 13.83 -33.73
N ASP B 117 3.92 13.25 -32.67
CA ASP B 117 4.51 11.92 -32.73
C ASP B 117 3.50 10.88 -32.24
N SER B 118 3.77 9.61 -32.53
CA SER B 118 2.89 8.51 -32.14
C SER B 118 3.22 7.95 -30.75
N GLY B 119 4.47 8.14 -30.32
CA GLY B 119 4.89 7.65 -29.03
C GLY B 119 4.37 8.48 -27.87
N LEU B 120 4.57 7.97 -26.65
CA LEU B 120 4.14 8.67 -25.45
C LEU B 120 5.08 9.81 -25.13
N ASP B 121 4.57 10.86 -24.52
CA ASP B 121 5.39 12.02 -24.17
C ASP B 121 5.81 11.93 -22.71
N TYR B 122 7.07 11.57 -22.47
CA TYR B 122 7.57 11.45 -21.10
C TYR B 122 8.14 12.76 -20.57
N GLN B 123 8.16 13.79 -21.40
CA GLN B 123 8.70 15.08 -21.00
C GLN B 123 7.67 15.93 -20.26
N SER B 124 6.43 15.90 -20.74
CA SER B 124 5.36 16.67 -20.11
C SER B 124 4.01 16.33 -20.72
N CYS B 125 2.94 16.66 -20.00
CA CYS B 125 1.58 16.43 -20.46
C CYS B 125 0.76 17.69 -20.17
N PRO B 126 -0.29 17.93 -20.95
CA PRO B 126 -1.12 19.12 -20.75
C PRO B 126 -1.90 19.15 -19.44
N THR B 127 -2.19 20.37 -18.97
CA THR B 127 -2.95 20.59 -17.75
C THR B 127 -4.27 21.23 -18.16
N SER B 128 -5.14 21.48 -17.19
CA SER B 128 -6.42 22.11 -17.49
C SER B 128 -6.18 23.44 -18.20
N GLU B 129 -5.06 24.07 -17.87
CA GLU B 129 -4.71 25.36 -18.48
C GLU B 129 -4.19 25.23 -19.90
N ASP B 130 -3.45 24.17 -20.19
CA ASP B 130 -2.92 23.96 -21.52
C ASP B 130 -4.06 23.67 -22.48
N CYS B 131 -5.04 22.92 -21.99
CA CYS B 131 -6.22 22.56 -22.77
C CYS B 131 -7.10 21.67 -21.89
N GLU B 132 -8.41 21.88 -21.98
CA GLU B 132 -9.37 21.14 -21.17
C GLU B 132 -9.41 19.63 -21.40
N ASN B 133 -9.45 19.22 -22.66
CA ASN B 133 -9.54 17.81 -22.98
C ASN B 133 -8.26 17.00 -23.01
N ASN B 134 -7.52 17.01 -21.90
CA ASN B 134 -6.30 16.22 -21.82
C ASN B 134 -6.69 14.81 -21.32
N PRO B 135 -5.87 13.79 -21.63
CA PRO B 135 -6.13 12.40 -21.23
C PRO B 135 -6.38 12.14 -19.75
N VAL B 136 -5.58 12.75 -18.87
CA VAL B 136 -5.72 12.53 -17.44
C VAL B 136 -6.99 13.15 -16.83
N ASP B 137 -7.27 14.41 -17.16
CA ASP B 137 -8.48 15.04 -16.61
C ASP B 137 -9.74 14.36 -17.13
N SER B 138 -9.75 13.99 -18.40
CA SER B 138 -10.92 13.34 -18.95
C SER B 138 -11.08 11.94 -18.34
N PHE B 139 -9.96 11.30 -18.02
CA PHE B 139 -10.01 9.99 -17.41
C PHE B 139 -10.73 10.08 -16.05
N TRP B 140 -10.21 10.95 -15.18
CA TRP B 140 -10.79 11.12 -13.85
C TRP B 140 -12.24 11.60 -13.85
N LYS B 141 -12.63 12.38 -14.85
CA LYS B 141 -14.02 12.83 -14.90
C LYS B 141 -14.88 11.60 -15.13
N ARG B 142 -14.49 10.79 -16.11
CA ARG B 142 -15.22 9.57 -16.44
C ARG B 142 -15.23 8.62 -15.25
N ALA B 143 -14.08 8.43 -14.62
CA ALA B 143 -13.97 7.53 -13.47
C ALA B 143 -14.78 8.00 -12.26
N SER B 144 -14.79 9.32 -12.03
CA SER B 144 -15.53 9.92 -10.93
C SER B 144 -17.02 9.69 -11.10
N ILE B 145 -17.48 9.92 -12.32
CA ILE B 145 -18.88 9.74 -12.64
C ILE B 145 -19.32 8.32 -12.32
N GLN B 146 -18.56 7.33 -12.80
CA GLN B 146 -18.93 5.95 -12.56
C GLN B 146 -18.92 5.60 -11.07
N TYR B 147 -17.86 6.01 -10.39
CA TYR B 147 -17.70 5.75 -8.96
C TYR B 147 -18.91 6.29 -8.19
N SER B 148 -19.37 7.48 -8.56
CA SER B 148 -20.51 8.09 -7.88
C SER B 148 -21.78 7.32 -8.19
N LYS B 149 -22.04 7.10 -9.47
CA LYS B 149 -23.24 6.36 -9.89
C LYS B 149 -23.35 5.00 -9.23
N ASP B 150 -22.22 4.35 -8.96
CA ASP B 150 -22.24 3.02 -8.36
C ASP B 150 -22.15 2.98 -6.83
N SER B 151 -22.13 4.15 -6.17
CA SER B 151 -22.05 4.18 -4.71
C SER B 151 -23.44 4.07 -4.11
N SER B 152 -23.53 3.61 -2.85
CA SER B 152 -24.81 3.46 -2.19
C SER B 152 -24.68 3.33 -0.66
N GLY B 153 -25.82 3.43 0.01
CA GLY B 153 -25.84 3.35 1.46
C GLY B 153 -25.37 4.65 2.07
N VAL B 154 -24.57 4.57 3.13
CA VAL B 154 -24.03 5.75 3.78
C VAL B 154 -22.82 6.21 2.98
N ILE B 155 -22.85 7.47 2.57
CA ILE B 155 -21.78 8.09 1.78
C ILE B 155 -20.82 8.81 2.71
N HIS B 156 -19.52 8.52 2.58
CA HIS B 156 -18.54 9.18 3.43
C HIS B 156 -17.69 10.15 2.61
N VAL B 157 -17.27 11.24 3.23
CA VAL B 157 -16.45 12.24 2.54
C VAL B 157 -15.39 12.80 3.47
N MET B 158 -14.14 12.74 3.06
CA MET B 158 -13.06 13.28 3.89
C MET B 158 -12.56 14.59 3.29
N LEU B 159 -12.67 15.66 4.06
CA LEU B 159 -12.23 16.97 3.62
C LEU B 159 -11.10 17.48 4.52
N ASN B 160 -10.28 18.36 3.98
CA ASN B 160 -9.15 18.91 4.71
C ASN B 160 -9.55 20.28 5.28
N GLY B 161 -9.73 20.35 6.59
CA GLY B 161 -10.11 21.59 7.24
C GLY B 161 -8.95 22.55 7.50
N SER B 162 -7.76 22.16 7.04
CA SER B 162 -6.58 22.99 7.21
C SER B 162 -6.20 23.59 5.87
N GLU B 163 -7.03 23.32 4.86
CA GLU B 163 -6.82 23.84 3.52
C GLU B 163 -7.09 25.36 3.57
N PRO B 164 -6.09 26.18 3.23
CA PRO B 164 -6.21 27.64 3.24
C PRO B 164 -7.47 28.20 2.56
N THR B 165 -7.79 27.70 1.38
CA THR B 165 -8.95 28.17 0.64
C THR B 165 -10.30 27.56 1.05
N GLY B 166 -10.31 26.73 2.09
CA GLY B 166 -11.57 26.14 2.52
C GLY B 166 -11.65 24.64 2.27
N ALA B 167 -12.36 23.95 3.17
CA ALA B 167 -12.50 22.51 3.10
C ALA B 167 -13.28 21.97 1.89
N TYR B 168 -14.27 22.73 1.44
CA TYR B 168 -15.07 22.31 0.29
C TYR B 168 -14.82 23.17 -0.95
N PRO B 169 -14.03 22.68 -1.91
CA PRO B 169 -13.72 23.44 -3.13
C PRO B 169 -14.97 23.49 -4.01
N ILE B 170 -15.55 24.66 -4.17
CA ILE B 170 -16.76 24.82 -4.99
C ILE B 170 -16.51 24.41 -6.44
N LYS B 171 -15.24 24.28 -6.80
CA LYS B 171 -14.85 23.87 -8.13
C LYS B 171 -13.88 22.72 -7.92
N GLY B 172 -14.23 21.54 -8.42
CA GLY B 172 -13.39 20.38 -8.24
C GLY B 172 -14.15 19.13 -8.61
N PHE B 173 -13.46 17.98 -8.60
CA PHE B 173 -14.10 16.73 -8.96
C PHE B 173 -15.30 16.35 -8.12
N PHE B 174 -15.23 16.61 -6.82
CA PHE B 174 -16.32 16.29 -5.93
C PHE B 174 -17.59 17.10 -6.20
N ALA B 175 -17.41 18.42 -6.31
CA ALA B 175 -18.53 19.32 -6.55
C ALA B 175 -19.06 19.24 -7.97
N ASP B 176 -18.17 19.10 -8.94
CA ASP B 176 -18.58 19.08 -10.33
C ASP B 176 -18.89 17.76 -10.97
N TYR B 177 -18.33 16.67 -10.45
CA TYR B 177 -18.59 15.39 -11.07
C TYR B 177 -19.14 14.29 -10.20
N GLU B 178 -19.02 14.43 -8.89
CA GLU B 178 -19.51 13.37 -8.02
C GLU B 178 -20.87 13.65 -7.42
N ILE B 179 -21.00 14.76 -6.69
CA ILE B 179 -22.26 15.14 -6.08
C ILE B 179 -23.44 15.07 -7.07
N PRO B 180 -23.25 15.59 -8.29
CA PRO B 180 -24.31 15.57 -9.31
C PRO B 180 -24.67 14.17 -9.79
N ASN B 181 -23.78 13.20 -9.57
CA ASN B 181 -24.06 11.85 -10.02
C ASN B 181 -24.42 10.87 -8.92
N LEU B 182 -24.53 11.37 -7.69
CA LEU B 182 -24.94 10.51 -6.59
C LEU B 182 -26.41 10.20 -6.84
N GLN B 183 -26.83 8.96 -6.64
CA GLN B 183 -28.23 8.59 -6.85
C GLN B 183 -28.93 8.49 -5.50
N LYS B 184 -29.76 9.48 -5.21
CA LYS B 184 -30.47 9.54 -3.93
C LYS B 184 -31.31 8.32 -3.61
N GLU B 185 -32.00 7.77 -4.60
CA GLU B 185 -32.85 6.60 -4.39
C GLU B 185 -32.13 5.47 -3.64
N LYS B 186 -30.83 5.31 -3.86
CA LYS B 186 -30.09 4.25 -3.19
C LYS B 186 -29.06 4.74 -2.17
N ILE B 187 -29.26 5.95 -1.68
CA ILE B 187 -28.35 6.53 -0.69
C ILE B 187 -29.09 6.79 0.62
N THR B 188 -28.47 6.39 1.73
CA THR B 188 -29.05 6.58 3.06
C THR B 188 -28.82 7.99 3.59
N ARG B 189 -27.57 8.37 3.70
CA ARG B 189 -27.22 9.68 4.20
C ARG B 189 -25.78 9.99 3.82
N ILE B 190 -25.40 11.26 3.96
CA ILE B 190 -24.05 11.66 3.65
C ILE B 190 -23.40 12.13 4.94
N GLU B 191 -22.21 11.61 5.21
CA GLU B 191 -21.46 11.95 6.41
C GLU B 191 -20.11 12.51 6.00
N ILE B 192 -19.81 13.71 6.48
CA ILE B 192 -18.56 14.36 6.16
C ILE B 192 -17.59 14.29 7.34
N TRP B 193 -16.30 14.14 7.06
CA TRP B 193 -15.27 14.13 8.09
C TRP B 193 -14.32 15.29 7.81
N VAL B 194 -14.36 16.35 8.61
CA VAL B 194 -13.48 17.48 8.38
C VAL B 194 -12.22 17.31 9.23
N MET B 195 -11.13 16.91 8.59
CA MET B 195 -9.89 16.67 9.30
C MET B 195 -8.94 17.85 9.33
N HIS B 196 -8.32 18.05 10.48
CA HIS B 196 -7.37 19.13 10.65
C HIS B 196 -6.01 18.52 10.94
N GLU B 197 -4.97 19.18 10.45
CA GLU B 197 -3.60 18.72 10.67
C GLU B 197 -3.32 18.70 12.17
N ILE B 198 -2.44 17.81 12.61
CA ILE B 198 -2.11 17.76 14.03
C ILE B 198 -1.53 19.11 14.39
N GLY B 199 -2.11 19.75 15.40
CA GLY B 199 -1.65 21.06 15.81
C GLY B 199 -1.95 22.08 14.73
N GLY B 200 -1.96 21.60 13.48
CA GLY B 200 -2.22 22.42 12.31
C GLY B 200 -3.36 23.38 12.48
N PRO B 201 -3.54 24.32 11.54
CA PRO B 201 -4.60 25.33 11.59
C PRO B 201 -6.02 24.86 11.33
N ASN B 202 -6.95 25.41 12.10
CA ASN B 202 -8.37 25.10 11.94
C ASN B 202 -9.00 26.15 11.03
N VAL B 203 -8.65 26.13 9.76
CA VAL B 203 -9.19 27.09 8.81
C VAL B 203 -10.71 27.01 8.81
N GLU B 204 -11.24 25.80 8.64
CA GLU B 204 -12.69 25.61 8.66
C GLU B 204 -13.07 24.32 9.38
N SER B 205 -14.21 24.37 10.05
CA SER B 205 -14.75 23.23 10.76
C SER B 205 -16.20 23.10 10.31
N CYS B 206 -16.85 22.01 10.70
CA CYS B 206 -18.23 21.82 10.31
C CYS B 206 -19.03 23.11 10.53
N GLY B 207 -19.93 23.42 9.59
CA GLY B 207 -20.75 24.60 9.71
C GLY B 207 -20.06 25.93 9.45
N GLU B 208 -18.82 25.89 8.96
CA GLU B 208 -18.08 27.13 8.69
C GLU B 208 -17.66 27.28 7.23
N GLY B 209 -17.63 28.54 6.78
CA GLY B 209 -17.23 28.84 5.42
C GLY B 209 -17.80 27.95 4.33
N SER B 210 -16.93 27.41 3.49
CA SER B 210 -17.37 26.53 2.40
C SER B 210 -18.21 25.36 2.91
N MET B 211 -18.02 24.97 4.18
CA MET B 211 -18.80 23.87 4.74
C MET B 211 -20.27 24.25 4.79
N LYS B 212 -20.56 25.54 4.93
CA LYS B 212 -21.94 26.01 4.97
C LYS B 212 -22.54 25.75 3.59
N VAL B 213 -21.76 26.02 2.56
CA VAL B 213 -22.16 25.83 1.18
C VAL B 213 -22.47 24.36 0.85
N LEU B 214 -21.54 23.47 1.19
CA LEU B 214 -21.71 22.05 0.93
C LEU B 214 -22.96 21.52 1.63
N GLU B 215 -23.11 21.86 2.90
CA GLU B 215 -24.27 21.41 3.65
C GLU B 215 -25.55 21.87 3.01
N LYS B 216 -25.62 23.15 2.67
CA LYS B 216 -26.84 23.67 2.06
C LYS B 216 -27.10 23.04 0.71
N ARG B 217 -26.04 22.79 -0.06
CA ARG B 217 -26.25 22.17 -1.36
C ARG B 217 -26.83 20.76 -1.20
N LEU B 218 -26.23 19.97 -0.32
CA LEU B 218 -26.71 18.61 -0.10
C LEU B 218 -28.12 18.60 0.48
N LYS B 219 -28.42 19.53 1.38
CA LYS B 219 -29.76 19.55 1.94
C LYS B 219 -30.79 19.99 0.89
N ASP B 220 -30.43 20.95 0.04
CA ASP B 220 -31.33 21.42 -1.01
C ASP B 220 -31.63 20.28 -1.99
N MET B 221 -30.72 19.31 -2.07
CA MET B 221 -30.90 18.17 -2.97
C MET B 221 -31.74 17.09 -2.31
N GLY B 222 -32.00 17.26 -1.02
CA GLY B 222 -32.83 16.30 -0.30
C GLY B 222 -32.11 15.19 0.44
N PHE B 223 -30.82 15.34 0.66
CA PHE B 223 -30.04 14.31 1.36
C PHE B 223 -30.03 14.54 2.88
N GLN B 224 -29.86 13.46 3.63
CA GLN B 224 -29.75 13.55 5.08
C GLN B 224 -28.27 13.86 5.23
N TYR B 225 -27.93 14.81 6.10
CA TYR B 225 -26.55 15.24 6.25
C TYR B 225 -26.02 15.32 7.68
N SER B 226 -24.76 14.95 7.86
CA SER B 226 -24.09 15.04 9.16
C SER B 226 -22.61 15.35 8.90
N CYS B 227 -21.98 16.04 9.85
CA CYS B 227 -20.59 16.41 9.71
C CYS B 227 -19.86 16.16 11.03
N ILE B 228 -18.64 15.65 10.95
CA ILE B 228 -17.84 15.35 12.13
C ILE B 228 -16.46 15.97 12.00
N ASN B 229 -16.02 16.68 13.04
CA ASN B 229 -14.71 17.29 13.03
C ASN B 229 -13.70 16.24 13.53
N ASP B 230 -12.64 16.04 12.77
CA ASP B 230 -11.61 15.09 13.15
C ASP B 230 -12.09 13.70 13.57
N TYR B 231 -12.79 13.04 12.65
CA TYR B 231 -13.31 11.69 12.87
C TYR B 231 -12.22 10.87 13.58
N ARG B 232 -12.56 10.36 14.76
CA ARG B 232 -11.61 9.64 15.60
C ARG B 232 -10.68 8.63 14.93
N PRO B 233 -11.22 7.65 14.19
CA PRO B 233 -10.35 6.68 13.54
C PRO B 233 -9.26 7.34 12.67
N VAL B 234 -9.65 8.36 11.91
CA VAL B 234 -8.70 9.05 11.04
C VAL B 234 -7.72 9.88 11.88
N LYS B 235 -8.24 10.48 12.96
CA LYS B 235 -7.37 11.27 13.83
C LYS B 235 -6.27 10.36 14.38
N LEU B 236 -6.66 9.16 14.83
CA LEU B 236 -5.69 8.21 15.35
C LEU B 236 -4.60 7.91 14.31
N LEU B 237 -4.98 7.74 13.05
CA LEU B 237 -4.02 7.48 11.99
C LEU B 237 -3.06 8.66 11.83
N GLN B 238 -3.59 9.87 11.82
CA GLN B 238 -2.73 11.05 11.72
C GLN B 238 -1.74 11.04 12.89
N CYS B 239 -2.25 10.70 14.06
CA CYS B 239 -1.43 10.67 15.27
C CYS B 239 -0.20 9.78 15.24
N VAL B 240 -0.23 8.74 14.41
CA VAL B 240 0.91 7.84 14.31
C VAL B 240 2.23 8.59 14.08
N ASP B 241 2.17 9.75 13.42
CA ASP B 241 3.37 10.56 13.16
C ASP B 241 3.57 11.73 14.10
N HIS B 242 2.75 11.83 15.14
CA HIS B 242 2.85 12.91 16.10
C HIS B 242 2.48 12.33 17.47
N SER B 243 3.05 11.17 17.78
CA SER B 243 2.76 10.47 19.03
C SER B 243 2.98 11.24 20.33
N THR B 244 3.92 12.18 20.33
CA THR B 244 4.19 12.96 21.55
C THR B 244 3.39 14.25 21.63
N HIS B 245 2.67 14.59 20.56
CA HIS B 245 1.88 15.82 20.55
C HIS B 245 0.71 15.69 21.50
N PRO B 246 0.40 16.76 22.25
CA PRO B 246 -0.71 16.72 23.21
C PRO B 246 -2.07 16.30 22.63
N ASP B 247 -2.29 16.53 21.34
CA ASP B 247 -3.57 16.14 20.74
C ASP B 247 -3.64 14.63 20.56
N CYS B 248 -2.48 13.98 20.64
CA CYS B 248 -2.40 12.54 20.45
C CYS B 248 -2.11 11.75 21.72
N ALA B 249 -2.15 12.41 22.87
CA ALA B 249 -1.88 11.72 24.13
C ALA B 249 -3.04 10.78 24.48
N LEU B 250 -2.70 9.57 24.89
CA LEU B 250 -3.71 8.59 25.26
C LEU B 250 -4.16 8.80 26.71
N LYS B 251 -5.35 8.31 27.03
CA LYS B 251 -5.89 8.46 28.36
C LYS B 251 -5.24 7.43 29.29
#